data_1S0N
#
_entry.id   1S0N
#
_cell.length_a   99.112
_cell.length_b   102.660
_cell.length_c   53.176
_cell.angle_alpha   90.00
_cell.angle_beta   90.00
_cell.angle_gamma   90.00
#
_symmetry.space_group_name_H-M   'P 21 21 2'
#
loop_
_entity.id
_entity.type
_entity.pdbx_description
1 polymer "5'-D(*GP*GP*CP*AP*CP*TP*GP*AP*TP*CP*AP*CP*G)-3'"
2 polymer "5'-D(*TP*AP*CP*GP*AP*CP*GP*TP*GP*AP*TP*CP*AP*GP*TP*GP*CP*C)-3'"
3 polymer 'DNA polymerase IV'
4 non-polymer 'CALCIUM ION'
5 non-polymer "2'-DEOXYCYTIDINE-5'-TRIPHOSPHATE"
6 water water
#
loop_
_entity_poly.entity_id
_entity_poly.type
_entity_poly.pdbx_seq_one_letter_code
_entity_poly.pdbx_strand_id
1 'polydeoxyribonucleotide' (DG)(DG)(DC)(DA)(DC)(DT)(DG)(DA)(DT)(DC)(DA)(DC)(DG) P
2 'polydeoxyribonucleotide' (DT)(DA)(DC)(DG)(DA)(DC)(DG)(DT)(DG)(DA)(DT)(DC)(DA)(DG)(DT)(DG)(DC)(DC) T
3 'polypeptide(L)'
;MIVLFVDFDYFYAQVEEVLNPSLKGKPVVVCVFSGRFEDSGAVATANYEARKFGVKAGIPIVEAKKILPNAVYLPMRKEV
YQQVSSRIMNLLREYSEKIEIASIDEAYLDISDKVRDYREAYNLGLEIKNKILEKEKITVTVGISKNKVFAKIAADMAKP
NGIKVIDDEEVKRLIRELDIADVPGIGNITAEKLKKLGINKLVDTLSIEFDKLKGMIGEAKAKYLISLARDEYNEPIRTR
VRKSIGRIVTMKRNSRNLEEIKPYLFRAIEESYYKLDKRIPKAIHVVAVTEDLDIVSRGRTFPHGISKETAYSESVKLLQ
KILEEDERKIRRIGVRFSKFIEAIGLDKFFDT
;
A
#
# COMPACT_ATOMS: atom_id res chain seq x y z
N MET C 1 11.55 3.20 22.99
CA MET C 1 10.60 3.96 22.13
C MET C 1 9.25 3.26 22.12
N ILE C 2 8.19 4.06 22.07
CA ILE C 2 6.83 3.52 22.04
C ILE C 2 6.12 3.96 20.76
N VAL C 3 5.69 3.01 19.95
CA VAL C 3 5.04 3.34 18.69
C VAL C 3 3.62 2.90 18.61
N LEU C 4 2.77 3.80 18.15
CA LEU C 4 1.35 3.52 18.02
C LEU C 4 0.98 3.52 16.56
N PHE C 5 0.41 2.41 16.12
CA PHE C 5 0.03 2.23 14.73
C PHE C 5 -1.50 2.19 14.55
N VAL C 6 -2.00 3.03 13.64
CA VAL C 6 -3.42 3.09 13.37
C VAL C 6 -3.66 2.60 11.94
N ASP C 7 -4.60 1.67 11.80
CA ASP C 7 -4.93 1.04 10.54
C ASP C 7 -6.44 0.92 10.34
N PHE C 8 -7.05 1.91 9.67
CA PHE C 8 -8.49 1.90 9.39
C PHE C 8 -8.96 0.52 8.89
N ASP C 9 -10.10 0.09 9.40
CA ASP C 9 -10.68 -1.21 9.08
C ASP C 9 -11.34 -1.22 7.73
N TYR C 10 -11.14 -2.33 7.00
CA TYR C 10 -11.69 -2.49 5.64
C TYR C 10 -12.14 -1.11 5.07
N PHE C 11 -11.20 -0.17 5.04
CA PHE C 11 -11.44 1.20 4.63
C PHE C 11 -12.39 1.58 3.50
N TYR C 12 -12.04 1.28 2.24
CA TYR C 12 -12.92 1.66 1.13
C TYR C 12 -14.37 1.19 1.33
N ALA C 13 -14.55 0.04 1.97
CA ALA C 13 -15.89 -0.46 2.20
C ALA C 13 -16.54 0.41 3.29
N GLN C 14 -15.87 0.54 4.42
CA GLN C 14 -16.40 1.33 5.52
C GLN C 14 -16.82 2.74 5.10
N VAL C 15 -15.95 3.46 4.40
CA VAL C 15 -16.30 4.81 4.00
C VAL C 15 -17.55 4.83 3.13
N GLU C 16 -17.73 3.78 2.33
CA GLU C 16 -18.94 3.69 1.51
C GLU C 16 -20.15 3.58 2.48
N GLU C 17 -20.07 2.62 3.40
CA GLU C 17 -21.12 2.39 4.38
C GLU C 17 -21.43 3.68 5.13
N VAL C 18 -20.39 4.43 5.50
CA VAL C 18 -20.63 5.68 6.22
C VAL C 18 -21.37 6.70 5.37
N LEU C 19 -21.21 6.62 4.06
CA LEU C 19 -21.89 7.56 3.19
C LEU C 19 -23.31 7.13 2.88
N ASN C 20 -23.58 5.84 3.10
CA ASN C 20 -24.89 5.25 2.84
C ASN C 20 -25.07 4.11 3.86
N PRO C 21 -25.48 4.46 5.10
CA PRO C 21 -25.74 3.60 6.27
C PRO C 21 -26.52 2.33 6.03
N SER C 22 -27.46 2.38 5.08
CA SER C 22 -28.28 1.23 4.74
C SER C 22 -27.44 0.06 4.27
N LEU C 23 -26.18 0.33 4.00
CA LEU C 23 -25.29 -0.71 3.52
C LEU C 23 -24.75 -1.58 4.63
N LYS C 24 -24.82 -1.09 5.86
CA LYS C 24 -24.32 -1.83 7.02
C LYS C 24 -25.04 -3.16 7.18
N GLY C 25 -24.29 -4.21 7.48
CA GLY C 25 -24.91 -5.51 7.67
C GLY C 25 -24.94 -6.34 6.40
N LYS C 26 -24.89 -5.69 5.25
CA LYS C 26 -24.89 -6.40 3.98
C LYS C 26 -23.46 -6.50 3.48
N PRO C 27 -23.13 -7.58 2.75
CA PRO C 27 -21.77 -7.71 2.25
C PRO C 27 -21.53 -6.63 1.18
N VAL C 28 -20.42 -5.90 1.30
CA VAL C 28 -20.08 -4.86 0.33
C VAL C 28 -18.75 -5.14 -0.37
N VAL C 29 -18.73 -4.95 -1.69
CA VAL C 29 -17.53 -5.20 -2.50
C VAL C 29 -17.18 -4.01 -3.37
N VAL C 30 -16.14 -3.28 -3.00
CA VAL C 30 -15.65 -2.13 -3.75
C VAL C 30 -14.81 -2.67 -4.89
N CYS C 31 -15.19 -2.38 -6.13
CA CYS C 31 -14.45 -2.90 -7.28
C CYS C 31 -13.83 -1.87 -8.23
N VAL C 32 -12.91 -2.38 -9.05
CA VAL C 32 -12.23 -1.61 -10.06
C VAL C 32 -12.62 -2.20 -11.42
N PHE C 33 -13.65 -1.60 -12.02
CA PHE C 33 -14.17 -2.01 -13.33
C PHE C 33 -13.20 -1.56 -14.43
N SER C 34 -12.52 -2.51 -15.07
CA SER C 34 -11.56 -2.20 -16.11
C SER C 34 -12.16 -1.61 -17.41
N GLY C 35 -13.38 -2.02 -17.75
CA GLY C 35 -14.00 -1.47 -18.95
C GLY C 35 -14.00 -2.38 -20.15
N ARG C 36 -13.10 -3.37 -20.16
CA ARG C 36 -13.03 -4.29 -21.29
C ARG C 36 -14.38 -4.94 -21.56
N PHE C 37 -14.91 -5.64 -20.58
CA PHE C 37 -16.20 -6.30 -20.73
C PHE C 37 -17.08 -6.21 -19.48
N GLU C 38 -18.22 -6.90 -19.52
CA GLU C 38 -19.17 -6.91 -18.40
C GLU C 38 -18.50 -7.51 -17.18
N ASP C 39 -18.33 -6.69 -16.15
CA ASP C 39 -17.73 -7.13 -14.91
C ASP C 39 -16.25 -7.51 -14.98
N SER C 40 -15.49 -6.90 -15.88
CA SER C 40 -14.06 -7.20 -15.94
C SER C 40 -13.42 -6.25 -14.93
N GLY C 41 -12.28 -6.65 -14.37
CA GLY C 41 -11.63 -5.81 -13.37
C GLY C 41 -11.38 -6.61 -12.11
N ALA C 42 -10.88 -5.95 -11.07
CA ALA C 42 -10.59 -6.65 -9.83
C ALA C 42 -11.30 -6.02 -8.64
N VAL C 43 -11.23 -6.69 -7.50
CA VAL C 43 -11.86 -6.18 -6.28
C VAL C 43 -10.79 -5.47 -5.44
N ALA C 44 -11.09 -4.25 -5.01
CA ALA C 44 -10.14 -3.49 -4.20
C ALA C 44 -10.22 -3.94 -2.74
N THR C 45 -11.44 -4.07 -2.22
CA THR C 45 -11.63 -4.49 -0.85
C THR C 45 -13.09 -4.86 -0.64
N ALA C 46 -13.33 -5.71 0.34
CA ALA C 46 -14.66 -6.15 0.67
C ALA C 46 -14.79 -6.03 2.19
N ASN C 47 -15.95 -5.59 2.70
CA ASN C 47 -16.12 -5.49 4.16
C ASN C 47 -16.11 -6.91 4.72
N TYR C 48 -16.26 -7.04 6.03
CA TYR C 48 -16.19 -8.39 6.59
C TYR C 48 -17.35 -9.33 6.27
N GLU C 49 -18.57 -8.80 6.17
CA GLU C 49 -19.67 -9.68 5.82
C GLU C 49 -19.31 -10.39 4.50
N ALA C 50 -18.71 -9.65 3.57
CA ALA C 50 -18.34 -10.22 2.28
C ALA C 50 -17.05 -11.05 2.32
N ARG C 51 -16.13 -10.72 3.21
CA ARG C 51 -14.88 -11.47 3.31
C ARG C 51 -15.05 -12.85 3.90
N LYS C 52 -16.05 -13.00 4.77
CA LYS C 52 -16.33 -14.28 5.40
C LYS C 52 -16.39 -15.39 4.36
N PHE C 53 -16.83 -15.04 3.16
CA PHE C 53 -16.99 -16.02 2.11
C PHE C 53 -15.93 -16.11 1.01
N GLY C 54 -14.77 -15.52 1.25
CA GLY C 54 -13.71 -15.59 0.25
C GLY C 54 -13.60 -14.44 -0.74
N VAL C 55 -14.42 -13.41 -0.55
CA VAL C 55 -14.41 -12.23 -1.42
C VAL C 55 -13.42 -11.20 -0.89
N LYS C 56 -12.19 -11.26 -1.38
CA LYS C 56 -11.16 -10.34 -0.94
C LYS C 56 -10.50 -9.52 -2.03
N ALA C 57 -9.70 -8.55 -1.61
CA ALA C 57 -8.98 -7.69 -2.53
C ALA C 57 -8.11 -8.51 -3.49
N GLY C 58 -8.22 -8.21 -4.78
CA GLY C 58 -7.42 -8.92 -5.76
C GLY C 58 -8.15 -9.87 -6.67
N ILE C 59 -9.19 -10.55 -6.17
CA ILE C 59 -9.89 -11.49 -7.04
C ILE C 59 -10.75 -10.78 -8.05
N PRO C 60 -10.89 -11.39 -9.23
CA PRO C 60 -11.68 -10.89 -10.36
C PRO C 60 -13.13 -10.65 -9.95
N ILE C 61 -13.70 -9.52 -10.39
CA ILE C 61 -15.08 -9.19 -10.05
C ILE C 61 -16.06 -10.30 -10.41
N VAL C 62 -15.75 -11.06 -11.46
CA VAL C 62 -16.64 -12.13 -11.88
C VAL C 62 -16.57 -13.29 -10.90
N GLU C 63 -15.40 -13.53 -10.32
CA GLU C 63 -15.26 -14.60 -9.33
C GLU C 63 -16.01 -14.25 -8.05
N ALA C 64 -16.07 -12.97 -7.74
CA ALA C 64 -16.75 -12.50 -6.54
C ALA C 64 -18.26 -12.62 -6.69
N LYS C 65 -18.74 -12.50 -7.92
CA LYS C 65 -20.18 -12.60 -8.14
C LYS C 65 -20.66 -14.05 -8.05
N LYS C 66 -19.79 -14.98 -8.43
CA LYS C 66 -20.12 -16.40 -8.36
C LYS C 66 -20.32 -16.76 -6.88
N ILE C 67 -19.59 -16.07 -6.01
CA ILE C 67 -19.65 -16.36 -4.59
C ILE C 67 -20.75 -15.61 -3.86
N LEU C 68 -20.97 -14.35 -4.24
CA LEU C 68 -21.99 -13.52 -3.60
C LEU C 68 -22.72 -12.73 -4.66
N PRO C 69 -23.45 -13.40 -5.56
CA PRO C 69 -24.18 -12.72 -6.64
C PRO C 69 -25.06 -11.55 -6.21
N ASN C 70 -25.45 -11.51 -4.95
CA ASN C 70 -26.33 -10.44 -4.51
C ASN C 70 -25.72 -9.47 -3.52
N ALA C 71 -24.40 -9.37 -3.55
CA ALA C 71 -23.70 -8.44 -2.69
C ALA C 71 -23.83 -7.08 -3.35
N VAL C 72 -23.58 -6.02 -2.59
CA VAL C 72 -23.64 -4.69 -3.16
C VAL C 72 -22.25 -4.38 -3.74
N TYR C 73 -22.15 -4.28 -5.07
CA TYR C 73 -20.88 -3.99 -5.75
C TYR C 73 -20.80 -2.51 -6.12
N LEU C 74 -19.81 -1.83 -5.57
CA LEU C 74 -19.70 -0.43 -5.87
C LEU C 74 -18.41 -0.09 -6.61
N PRO C 75 -18.40 1.01 -7.38
CA PRO C 75 -17.18 1.37 -8.10
C PRO C 75 -16.25 2.13 -7.17
N MET C 76 -14.96 1.81 -7.22
CA MET C 76 -14.01 2.48 -6.37
C MET C 76 -14.08 3.98 -6.59
N ARG C 77 -14.16 4.72 -5.49
CA ARG C 77 -14.19 6.19 -5.51
C ARG C 77 -12.97 6.66 -4.68
N LYS C 78 -11.80 6.41 -5.26
CA LYS C 78 -10.54 6.72 -4.62
C LYS C 78 -10.44 8.16 -4.12
N GLU C 79 -10.97 9.12 -4.89
CA GLU C 79 -10.90 10.52 -4.45
C GLU C 79 -11.67 10.71 -3.15
N VAL C 80 -12.81 10.03 -3.03
CA VAL C 80 -13.64 10.11 -1.83
C VAL C 80 -12.89 9.57 -0.63
N TYR C 81 -12.50 8.30 -0.70
CA TYR C 81 -11.79 7.73 0.42
C TYR C 81 -10.60 8.62 0.82
N GLN C 82 -9.87 9.12 -0.18
CA GLN C 82 -8.72 9.97 0.07
C GLN C 82 -9.05 11.17 0.97
N GLN C 83 -10.15 11.87 0.67
CA GLN C 83 -10.53 13.01 1.48
C GLN C 83 -10.93 12.60 2.89
N VAL C 84 -11.68 11.50 3.00
CA VAL C 84 -12.03 11.04 4.34
C VAL C 84 -10.70 10.78 5.07
N SER C 85 -9.79 10.04 4.43
CA SER C 85 -8.48 9.74 5.02
C SER C 85 -7.73 10.98 5.53
N SER C 86 -7.56 11.97 4.67
CA SER C 86 -6.88 13.19 5.06
C SER C 86 -7.53 13.80 6.30
N ARG C 87 -8.86 13.70 6.41
CA ARG C 87 -9.48 14.26 7.59
C ARG C 87 -9.16 13.42 8.82
N ILE C 88 -9.12 12.09 8.68
CA ILE C 88 -8.79 11.27 9.85
C ILE C 88 -7.32 11.48 10.24
N MET C 89 -6.43 11.59 9.25
CA MET C 89 -5.02 11.77 9.56
C MET C 89 -4.91 13.05 10.38
N ASN C 90 -5.35 14.17 9.82
CA ASN C 90 -5.29 15.44 10.56
C ASN C 90 -5.65 15.23 12.04
N LEU C 91 -6.71 14.46 12.33
CA LEU C 91 -7.08 14.21 13.72
C LEU C 91 -5.89 13.67 14.51
N LEU C 92 -5.20 12.67 13.95
CA LEU C 92 -4.06 12.04 14.62
C LEU C 92 -2.89 12.99 14.90
N ARG C 93 -2.83 14.11 14.18
CA ARG C 93 -1.76 15.08 14.39
C ARG C 93 -1.87 15.81 15.71
N GLU C 94 -2.96 15.56 16.43
CA GLU C 94 -3.19 16.19 17.73
C GLU C 94 -2.59 15.30 18.82
N TYR C 95 -2.09 14.12 18.41
CA TYR C 95 -1.54 13.16 19.35
C TYR C 95 -0.02 12.93 19.26
N SER C 96 0.65 13.68 18.38
CA SER C 96 2.10 13.57 18.21
C SER C 96 2.58 14.33 16.98
N GLU C 97 3.66 15.07 17.13
CA GLU C 97 4.20 15.85 16.02
C GLU C 97 4.91 14.89 15.08
N LYS C 98 5.45 13.81 15.65
CA LYS C 98 6.17 12.77 14.91
C LYS C 98 5.16 11.72 14.43
N ILE C 99 4.70 11.87 13.20
CA ILE C 99 3.73 10.95 12.62
C ILE C 99 4.15 10.61 11.17
N GLU C 100 4.13 9.32 10.86
CA GLU C 100 4.50 8.82 9.54
C GLU C 100 3.27 8.22 8.87
N ILE C 101 2.76 8.86 7.83
CA ILE C 101 1.58 8.35 7.13
C ILE C 101 2.03 7.30 6.10
N ALA C 102 1.98 6.04 6.51
CA ALA C 102 2.39 4.90 5.70
C ALA C 102 1.67 4.70 4.37
N SER C 103 0.35 4.83 4.38
CA SER C 103 -0.45 4.64 3.17
C SER C 103 -1.75 5.40 3.29
N ILE C 104 -2.71 5.03 2.46
CA ILE C 104 -3.97 5.74 2.50
C ILE C 104 -4.78 5.49 3.75
N ASP C 105 -4.35 4.52 4.56
CA ASP C 105 -5.15 4.13 5.74
C ASP C 105 -4.28 3.64 6.93
N GLU C 106 -3.06 4.13 7.01
CA GLU C 106 -2.18 3.69 8.07
C GLU C 106 -1.27 4.81 8.48
N ALA C 107 -1.10 4.97 9.78
CA ALA C 107 -0.24 5.99 10.29
C ALA C 107 0.53 5.47 11.51
N TYR C 108 1.77 5.93 11.65
CA TYR C 108 2.58 5.54 12.78
C TYR C 108 2.78 6.78 13.63
N LEU C 109 2.59 6.63 14.94
CA LEU C 109 2.77 7.76 15.85
C LEU C 109 3.81 7.40 16.90
N ASP C 110 4.83 8.25 17.06
CA ASP C 110 5.86 8.02 18.07
C ASP C 110 5.36 8.72 19.32
N ILE C 111 4.77 7.96 20.23
CA ILE C 111 4.24 8.56 21.45
C ILE C 111 5.18 8.44 22.65
N SER C 112 6.47 8.32 22.36
CA SER C 112 7.49 8.20 23.41
C SER C 112 7.45 9.42 24.35
N ASP C 113 7.07 10.58 23.81
CA ASP C 113 6.97 11.81 24.62
C ASP C 113 5.55 12.25 24.91
N LYS C 114 4.62 11.30 25.10
CA LYS C 114 3.24 11.64 25.41
C LYS C 114 2.71 10.67 26.44
N VAL C 115 3.42 9.56 26.63
CA VAL C 115 3.04 8.55 27.61
C VAL C 115 4.30 7.88 28.17
N ARG C 116 4.25 7.51 29.45
CA ARG C 116 5.38 6.90 30.13
C ARG C 116 5.46 5.38 30.00
N ASP C 117 4.33 4.73 29.76
CA ASP C 117 4.30 3.27 29.64
C ASP C 117 3.18 2.76 28.74
N TYR C 118 3.15 1.46 28.51
CA TYR C 118 2.12 0.85 27.67
C TYR C 118 0.71 0.99 28.19
N ARG C 119 0.56 1.13 29.51
CA ARG C 119 -0.76 1.30 30.11
C ARG C 119 -1.29 2.66 29.62
N GLU C 120 -0.45 3.68 29.73
CA GLU C 120 -0.81 5.03 29.28
C GLU C 120 -0.90 5.08 27.78
N ALA C 121 -0.14 4.21 27.10
CA ALA C 121 -0.15 4.14 25.65
C ALA C 121 -1.51 3.56 25.24
N TYR C 122 -1.80 2.38 25.77
CA TYR C 122 -3.06 1.69 25.49
C TYR C 122 -4.26 2.61 25.74
N ASN C 123 -4.15 3.48 26.72
CA ASN C 123 -5.25 4.40 27.02
C ASN C 123 -5.30 5.53 26.00
N LEU C 124 -4.14 5.88 25.43
CA LEU C 124 -4.08 6.94 24.45
C LEU C 124 -4.70 6.40 23.17
N GLY C 125 -4.50 5.11 22.94
CA GLY C 125 -5.06 4.48 21.76
C GLY C 125 -6.58 4.55 21.81
N LEU C 126 -7.15 4.05 22.91
CA LEU C 126 -8.59 4.08 23.11
C LEU C 126 -9.12 5.48 22.81
N GLU C 127 -8.48 6.46 23.41
CA GLU C 127 -8.87 7.85 23.22
C GLU C 127 -8.84 8.20 21.72
N ILE C 128 -7.87 7.63 21.01
CA ILE C 128 -7.74 7.89 19.59
C ILE C 128 -8.75 7.11 18.76
N LYS C 129 -9.09 5.90 19.17
CA LYS C 129 -10.09 5.17 18.42
C LYS C 129 -11.39 5.97 18.54
N ASN C 130 -11.71 6.40 19.74
CA ASN C 130 -12.91 7.17 19.99
C ASN C 130 -12.93 8.47 19.19
N LYS C 131 -11.92 9.30 19.37
CA LYS C 131 -11.88 10.57 18.65
C LYS C 131 -12.19 10.43 17.17
N ILE C 132 -11.83 9.30 16.58
CA ILE C 132 -12.05 9.04 15.16
C ILE C 132 -13.49 8.57 14.90
N LEU C 133 -14.01 7.78 15.83
CA LEU C 133 -15.37 7.31 15.71
C LEU C 133 -16.29 8.53 15.83
N GLU C 134 -15.99 9.40 16.80
CA GLU C 134 -16.78 10.62 17.02
C GLU C 134 -16.83 11.42 15.74
N LYS C 135 -15.71 12.06 15.42
CA LYS C 135 -15.62 12.91 14.22
C LYS C 135 -16.01 12.26 12.90
N GLU C 136 -15.49 11.07 12.61
CA GLU C 136 -15.78 10.44 11.32
C GLU C 136 -16.49 9.11 11.31
N LYS C 137 -16.97 8.64 12.45
CA LYS C 137 -17.68 7.36 12.50
C LYS C 137 -16.99 6.25 11.70
N ILE C 138 -15.68 6.10 11.91
CA ILE C 138 -14.88 5.08 11.25
C ILE C 138 -14.12 4.32 12.33
N THR C 139 -14.18 2.99 12.29
CA THR C 139 -13.46 2.18 13.25
C THR C 139 -12.05 1.90 12.72
N VAL C 140 -11.09 1.78 13.61
CA VAL C 140 -9.73 1.49 13.18
C VAL C 140 -9.04 0.70 14.25
N THR C 141 -8.21 -0.26 13.86
CA THR C 141 -7.46 -1.08 14.80
C THR C 141 -6.17 -0.35 15.21
N VAL C 142 -5.79 -0.45 16.48
CA VAL C 142 -4.58 0.23 16.96
C VAL C 142 -3.54 -0.79 17.43
N GLY C 143 -2.32 -0.69 16.90
CA GLY C 143 -1.27 -1.59 17.29
C GLY C 143 -0.20 -0.84 18.08
N ILE C 144 0.28 -1.42 19.18
CA ILE C 144 1.29 -0.73 19.99
C ILE C 144 2.44 -1.63 20.46
N SER C 145 3.66 -1.08 20.39
CA SER C 145 4.87 -1.76 20.83
C SER C 145 6.09 -0.84 20.74
N LYS C 146 7.29 -1.42 20.86
CA LYS C 146 8.55 -0.66 20.83
C LYS C 146 9.00 -0.09 19.50
N ASN C 147 8.65 -0.74 18.42
CA ASN C 147 9.02 -0.20 17.11
C ASN C 147 7.88 -0.29 16.10
N LYS C 148 8.10 0.28 14.92
CA LYS C 148 7.12 0.26 13.87
C LYS C 148 6.71 -1.16 13.43
N VAL C 149 7.70 -2.01 13.17
CA VAL C 149 7.43 -3.38 12.77
C VAL C 149 6.52 -4.14 13.72
N PHE C 150 6.85 -4.16 15.01
CA PHE C 150 5.98 -4.91 15.93
C PHE C 150 4.69 -4.21 16.23
N ALA C 151 4.64 -2.91 15.97
CA ALA C 151 3.42 -2.17 16.20
C ALA C 151 2.45 -2.62 15.10
N LYS C 152 2.99 -2.80 13.90
CA LYS C 152 2.20 -3.22 12.75
C LYS C 152 1.72 -4.63 12.98
N ILE C 153 2.61 -5.51 13.42
CA ILE C 153 2.24 -6.89 13.67
C ILE C 153 1.21 -6.89 14.80
N ALA C 154 1.30 -5.91 15.68
CA ALA C 154 0.36 -5.81 16.77
C ALA C 154 -1.02 -5.70 16.13
N ALA C 155 -1.21 -4.60 15.40
CA ALA C 155 -2.47 -4.31 14.72
C ALA C 155 -2.99 -5.47 13.90
N ASP C 156 -2.10 -6.12 13.15
CA ASP C 156 -2.52 -7.26 12.33
C ASP C 156 -3.25 -8.30 13.14
N MET C 157 -2.88 -8.43 14.40
CA MET C 157 -3.50 -9.42 15.27
C MET C 157 -4.82 -8.93 15.87
N ALA C 158 -4.91 -7.64 16.15
CA ALA C 158 -6.12 -7.08 16.75
C ALA C 158 -7.29 -6.84 15.81
N LYS C 159 -7.03 -6.34 14.61
CA LYS C 159 -8.14 -6.07 13.70
C LYS C 159 -9.10 -7.25 13.55
N PRO C 160 -10.39 -6.95 13.28
CA PRO C 160 -10.92 -5.60 13.13
C PRO C 160 -11.29 -4.89 14.43
N ASN C 161 -11.55 -3.59 14.32
CA ASN C 161 -11.92 -2.73 15.44
C ASN C 161 -11.33 -3.21 16.75
N GLY C 162 -10.02 -3.41 16.79
CA GLY C 162 -9.37 -3.87 18.01
C GLY C 162 -8.23 -2.98 18.42
N ILE C 163 -7.52 -3.40 19.46
CA ILE C 163 -6.37 -2.67 19.97
C ILE C 163 -5.47 -3.67 20.68
N LYS C 164 -4.16 -3.48 20.58
CA LYS C 164 -3.28 -4.43 21.22
C LYS C 164 -1.85 -3.95 21.43
N VAL C 165 -1.25 -4.48 22.49
CA VAL C 165 0.11 -4.17 22.86
C VAL C 165 0.94 -5.44 22.78
N ILE C 166 2.21 -5.27 22.45
CA ILE C 166 3.17 -6.36 22.35
C ILE C 166 4.37 -5.87 23.13
N ASP C 167 4.38 -6.15 24.43
CA ASP C 167 5.46 -5.74 25.32
C ASP C 167 6.76 -6.46 24.98
N ASP C 168 7.85 -5.88 25.46
CA ASP C 168 9.21 -6.37 25.26
C ASP C 168 9.34 -7.88 25.42
N GLU C 169 8.55 -8.43 26.33
CA GLU C 169 8.55 -9.85 26.63
C GLU C 169 7.87 -10.71 25.55
N GLU C 170 6.81 -10.19 24.96
CA GLU C 170 6.11 -10.90 23.89
C GLU C 170 6.90 -10.76 22.60
N VAL C 171 7.60 -9.65 22.46
CA VAL C 171 8.43 -9.43 21.29
C VAL C 171 9.45 -10.56 21.28
N LYS C 172 10.03 -10.85 22.44
CA LYS C 172 11.01 -11.92 22.54
C LYS C 172 10.34 -13.25 22.19
N ARG C 173 9.11 -13.45 22.65
CA ARG C 173 8.40 -14.70 22.35
C ARG C 173 8.20 -14.82 20.83
N LEU C 174 7.83 -13.71 20.19
CA LEU C 174 7.59 -13.66 18.76
C LEU C 174 8.87 -13.82 17.94
N ILE C 175 9.96 -13.23 18.40
CA ILE C 175 11.20 -13.37 17.67
C ILE C 175 11.51 -14.85 17.53
N ARG C 176 10.90 -15.65 18.40
CA ARG C 176 11.07 -17.10 18.39
C ARG C 176 9.96 -17.86 17.69
N GLU C 177 8.72 -17.58 18.07
CA GLU C 177 7.59 -18.30 17.51
C GLU C 177 6.87 -17.76 16.27
N LEU C 178 6.87 -16.44 16.07
CA LEU C 178 6.19 -15.83 14.91
C LEU C 178 6.70 -16.33 13.57
N ASP C 179 5.78 -16.86 12.77
CA ASP C 179 6.13 -17.36 11.43
C ASP C 179 6.81 -16.19 10.73
N ILE C 180 7.95 -16.44 10.10
CA ILE C 180 8.69 -15.36 9.46
C ILE C 180 7.98 -14.72 8.28
N ALA C 181 6.98 -15.40 7.73
CA ALA C 181 6.25 -14.87 6.58
C ALA C 181 5.23 -13.81 7.00
N ASP C 182 4.99 -13.68 8.29
CA ASP C 182 4.04 -12.69 8.76
C ASP C 182 4.77 -11.46 9.24
N VAL C 183 6.01 -11.34 8.79
CA VAL C 183 6.85 -10.20 9.13
C VAL C 183 6.79 -9.19 8.01
N PRO C 184 6.25 -7.98 8.29
CA PRO C 184 6.14 -6.91 7.30
C PRO C 184 7.38 -6.81 6.44
N GLY C 185 7.19 -6.94 5.12
CA GLY C 185 8.30 -6.86 4.21
C GLY C 185 8.68 -8.18 3.61
N ILE C 186 8.06 -9.25 4.10
CA ILE C 186 8.37 -10.57 3.57
C ILE C 186 7.28 -11.12 2.66
N GLY C 187 7.47 -10.87 1.36
CA GLY C 187 6.50 -11.31 0.38
C GLY C 187 6.61 -12.79 0.11
N ASN C 188 5.77 -13.26 -0.80
CA ASN C 188 5.76 -14.67 -1.15
C ASN C 188 7.11 -15.11 -1.67
N ILE C 189 7.62 -14.41 -2.68
CA ILE C 189 8.90 -14.76 -3.26
C ILE C 189 10.03 -14.87 -2.23
N THR C 190 10.02 -14.02 -1.22
CA THR C 190 11.07 -14.07 -0.22
C THR C 190 10.77 -15.16 0.81
N ALA C 191 9.52 -15.21 1.27
CA ALA C 191 9.09 -16.21 2.25
C ALA C 191 9.57 -17.59 1.81
N GLU C 192 9.50 -17.82 0.50
CA GLU C 192 9.92 -19.09 -0.08
C GLU C 192 11.41 -19.24 0.04
N LYS C 193 12.15 -18.26 -0.46
CA LYS C 193 13.60 -18.33 -0.38
C LYS C 193 14.04 -18.63 1.05
N LEU C 194 13.25 -18.20 2.03
CA LEU C 194 13.59 -18.45 3.42
C LEU C 194 13.26 -19.88 3.82
N LYS C 195 12.06 -20.33 3.46
CA LYS C 195 11.64 -21.71 3.76
C LYS C 195 12.62 -22.68 3.09
N LYS C 196 13.27 -22.18 2.03
CA LYS C 196 14.23 -22.96 1.26
C LYS C 196 15.62 -22.87 1.88
N LEU C 197 15.65 -22.41 3.13
CA LEU C 197 16.87 -22.27 3.90
C LEU C 197 16.55 -22.70 5.31
N GLY C 198 15.33 -23.22 5.46
CA GLY C 198 14.88 -23.70 6.76
C GLY C 198 14.61 -22.58 7.75
N ILE C 199 14.42 -21.37 7.24
CA ILE C 199 14.16 -20.23 8.09
C ILE C 199 12.66 -20.01 8.12
N ASN C 200 12.07 -20.15 9.29
CA ASN C 200 10.64 -19.99 9.48
C ASN C 200 10.37 -19.01 10.63
N LYS C 201 11.39 -18.75 11.43
CA LYS C 201 11.25 -17.83 12.56
C LYS C 201 12.35 -16.79 12.47
N LEU C 202 12.08 -15.60 13.00
CA LEU C 202 13.08 -14.54 12.95
C LEU C 202 14.43 -14.97 13.50
N VAL C 203 14.39 -15.64 14.64
CA VAL C 203 15.60 -16.12 15.30
C VAL C 203 16.48 -16.97 14.38
N ASP C 204 15.86 -17.81 13.56
CA ASP C 204 16.62 -18.66 12.66
C ASP C 204 17.60 -17.91 11.77
N THR C 205 17.47 -16.58 11.69
CA THR C 205 18.38 -15.80 10.84
C THR C 205 19.72 -15.49 11.50
N LEU C 206 19.84 -15.78 12.78
CA LEU C 206 21.06 -15.52 13.53
C LEU C 206 22.03 -16.71 13.53
N SER C 207 21.50 -17.88 13.19
CA SER C 207 22.30 -19.12 13.18
C SER C 207 22.87 -19.44 11.82
N ILE C 208 22.40 -18.75 10.78
CA ILE C 208 22.85 -18.97 9.41
C ILE C 208 24.00 -18.03 9.10
N GLU C 209 24.84 -18.41 8.14
CA GLU C 209 25.95 -17.55 7.76
C GLU C 209 25.33 -16.32 7.11
N PHE C 210 25.87 -15.14 7.40
CA PHE C 210 25.32 -13.91 6.85
C PHE C 210 25.29 -13.86 5.33
N ASP C 211 26.38 -14.24 4.70
CA ASP C 211 26.47 -14.20 3.24
C ASP C 211 25.51 -15.15 2.56
N LYS C 212 25.21 -16.27 3.21
CA LYS C 212 24.28 -17.25 2.66
C LYS C 212 22.89 -16.65 2.66
N LEU C 213 22.58 -15.86 3.68
CA LEU C 213 21.29 -15.19 3.81
C LEU C 213 21.27 -14.02 2.83
N LYS C 214 22.35 -13.23 2.85
CA LYS C 214 22.47 -12.09 1.95
C LYS C 214 22.24 -12.55 0.51
N GLY C 215 23.12 -13.45 0.06
CA GLY C 215 23.04 -13.96 -1.30
C GLY C 215 21.68 -14.42 -1.77
N MET C 216 20.85 -14.90 -0.86
CA MET C 216 19.54 -15.41 -1.23
C MET C 216 18.41 -14.39 -1.26
N ILE C 217 18.39 -13.46 -0.30
CA ILE C 217 17.32 -12.48 -0.27
C ILE C 217 17.77 -11.04 -0.46
N GLY C 218 19.07 -10.80 -0.34
CA GLY C 218 19.58 -9.45 -0.51
C GLY C 218 20.15 -8.90 0.79
N GLU C 219 21.20 -8.11 0.66
CA GLU C 219 21.84 -7.52 1.82
C GLU C 219 20.87 -6.66 2.66
N ALA C 220 19.97 -5.92 2.01
CA ALA C 220 19.06 -5.09 2.78
C ALA C 220 18.04 -5.88 3.55
N LYS C 221 17.48 -6.91 2.92
CA LYS C 221 16.48 -7.73 3.61
C LYS C 221 17.08 -8.57 4.73
N ALA C 222 18.35 -8.94 4.57
CA ALA C 222 19.04 -9.73 5.57
C ALA C 222 19.31 -8.86 6.78
N LYS C 223 19.92 -7.71 6.58
CA LYS C 223 20.17 -6.84 7.70
C LYS C 223 18.84 -6.58 8.42
N TYR C 224 17.81 -6.20 7.66
CA TYR C 224 16.48 -5.93 8.21
C TYR C 224 16.09 -7.05 9.13
N LEU C 225 15.99 -8.26 8.58
CA LEU C 225 15.61 -9.44 9.33
C LEU C 225 16.51 -9.74 10.52
N ILE C 226 17.80 -9.46 10.39
CA ILE C 226 18.71 -9.73 11.50
C ILE C 226 18.48 -8.76 12.66
N SER C 227 18.38 -7.45 12.39
CA SER C 227 18.18 -6.47 13.47
C SER C 227 16.93 -6.77 14.27
N LEU C 228 15.87 -7.19 13.59
CA LEU C 228 14.62 -7.54 14.26
C LEU C 228 14.86 -8.75 15.15
N ALA C 229 15.69 -9.67 14.67
CA ALA C 229 16.01 -10.90 15.39
C ALA C 229 16.81 -10.58 16.63
N ARG C 230 17.79 -9.70 16.52
CA ARG C 230 18.60 -9.31 17.67
C ARG C 230 17.78 -8.37 18.51
N ASP C 231 16.56 -8.08 18.08
CA ASP C 231 15.68 -7.17 18.81
C ASP C 231 16.30 -5.78 18.90
N GLU C 232 17.00 -5.37 17.85
CA GLU C 232 17.63 -4.05 17.83
C GLU C 232 17.07 -3.24 16.67
N TYR C 233 15.86 -3.55 16.24
CA TYR C 233 15.29 -2.80 15.13
C TYR C 233 14.96 -1.40 15.57
N ASN C 234 15.67 -0.43 15.01
CA ASN C 234 15.39 0.94 15.35
C ASN C 234 15.25 1.71 14.04
N GLU C 235 14.05 2.24 13.85
CA GLU C 235 13.69 3.03 12.69
C GLU C 235 12.71 4.04 13.24
N PRO C 236 13.12 5.30 13.27
CA PRO C 236 12.32 6.41 13.78
C PRO C 236 11.17 6.74 12.83
N ILE C 237 10.16 7.38 13.37
CA ILE C 237 9.01 7.77 12.58
C ILE C 237 9.43 9.03 11.83
N ARG C 238 9.30 9.00 10.51
CA ARG C 238 9.67 10.14 9.68
C ARG C 238 8.57 10.56 8.74
N THR C 239 8.36 11.87 8.63
CA THR C 239 7.33 12.43 7.76
C THR C 239 7.67 11.98 6.34
N ARG C 240 6.68 11.43 5.63
CA ARG C 240 6.93 10.95 4.27
C ARG C 240 6.62 11.95 3.20
N VAL C 241 7.53 12.07 2.23
CA VAL C 241 7.38 12.99 1.11
C VAL C 241 7.16 12.18 -0.16
N ARG C 242 6.00 12.33 -0.79
CA ARG C 242 5.73 11.57 -2.00
C ARG C 242 6.82 11.85 -3.05
N LYS C 243 7.54 10.81 -3.45
CA LYS C 243 8.62 10.94 -4.43
C LYS C 243 8.17 10.87 -5.90
N SER C 244 7.13 10.11 -6.21
CA SER C 244 6.68 10.08 -7.59
C SER C 244 5.15 10.04 -7.70
N ILE C 245 4.65 10.34 -8.89
CA ILE C 245 3.22 10.39 -9.16
C ILE C 245 3.00 9.95 -10.59
N GLY C 246 2.30 8.85 -10.79
CA GLY C 246 2.08 8.38 -12.14
C GLY C 246 0.66 7.91 -12.38
N ARG C 247 0.46 7.26 -13.51
CA ARG C 247 -0.84 6.76 -13.88
C ARG C 247 -0.65 5.77 -15.01
N ILE C 248 -1.36 4.66 -14.94
CA ILE C 248 -1.24 3.64 -15.96
C ILE C 248 -2.66 3.18 -16.34
N VAL C 249 -2.99 3.25 -17.62
CA VAL C 249 -4.34 2.85 -18.08
C VAL C 249 -4.33 1.60 -18.98
N THR C 250 -5.37 0.79 -18.86
CA THR C 250 -5.48 -0.42 -19.68
C THR C 250 -6.12 -0.01 -20.99
N MET C 251 -5.58 -0.52 -22.10
CA MET C 251 -6.12 -0.18 -23.40
C MET C 251 -7.25 -1.13 -23.75
N LYS C 252 -8.14 -0.68 -24.63
CA LYS C 252 -9.31 -1.45 -25.06
C LYS C 252 -8.93 -2.82 -25.62
N ARG C 253 -7.80 -2.85 -26.34
CA ARG C 253 -7.27 -4.06 -26.94
C ARG C 253 -5.77 -3.84 -27.07
N ASN C 254 -4.99 -4.89 -26.83
CA ASN C 254 -3.54 -4.78 -26.92
C ASN C 254 -3.14 -4.26 -28.27
N SER C 255 -1.84 -4.01 -28.45
CA SER C 255 -1.31 -3.49 -29.72
C SER C 255 0.04 -2.82 -29.55
N ARG C 256 0.75 -2.64 -30.65
CA ARG C 256 2.03 -1.96 -30.62
C ARG C 256 2.09 -0.87 -31.70
N ASN C 257 0.91 -0.40 -32.08
CA ASN C 257 0.78 0.66 -33.08
C ASN C 257 0.86 2.03 -32.41
N LEU C 258 2.03 2.66 -32.46
CA LEU C 258 2.21 3.95 -31.81
C LEU C 258 0.98 4.86 -31.84
N GLU C 259 0.43 5.07 -33.04
CA GLU C 259 -0.73 5.94 -33.18
C GLU C 259 -1.98 5.51 -32.43
N GLU C 260 -2.14 4.21 -32.20
CA GLU C 260 -3.30 3.71 -31.49
C GLU C 260 -3.02 3.73 -29.97
N ILE C 261 -1.76 3.90 -29.61
CA ILE C 261 -1.37 3.94 -28.22
C ILE C 261 -1.31 5.39 -27.69
N LYS C 262 -0.91 6.32 -28.54
CA LYS C 262 -0.80 7.73 -28.15
C LYS C 262 -1.91 8.28 -27.26
N PRO C 263 -3.18 8.15 -27.67
CA PRO C 263 -4.30 8.67 -26.87
C PRO C 263 -4.24 8.24 -25.40
N TYR C 264 -3.94 6.97 -25.18
CA TYR C 264 -3.83 6.43 -23.83
C TYR C 264 -2.67 7.06 -23.07
N LEU C 265 -1.56 7.27 -23.77
CA LEU C 265 -0.38 7.86 -23.14
C LEU C 265 -0.66 9.31 -22.75
N PHE C 266 -1.22 10.08 -23.69
CA PHE C 266 -1.52 11.46 -23.41
C PHE C 266 -2.59 11.56 -22.33
N ARG C 267 -3.56 10.64 -22.36
CA ARG C 267 -4.59 10.65 -21.33
C ARG C 267 -3.87 10.49 -19.98
N ALA C 268 -3.05 9.44 -19.88
CA ALA C 268 -2.32 9.20 -18.66
C ALA C 268 -1.51 10.42 -18.26
N ILE C 269 -0.92 11.11 -19.24
CA ILE C 269 -0.13 12.29 -18.91
C ILE C 269 -1.01 13.39 -18.33
N GLU C 270 -2.18 13.59 -18.93
CA GLU C 270 -3.12 14.61 -18.45
C GLU C 270 -3.45 14.42 -16.98
N GLU C 271 -3.97 13.25 -16.65
CA GLU C 271 -4.33 12.95 -15.29
C GLU C 271 -3.15 13.12 -14.36
N SER C 272 -1.97 12.67 -14.79
CA SER C 272 -0.75 12.78 -13.99
C SER C 272 -0.41 14.21 -13.67
N TYR C 273 -0.52 15.08 -14.68
CA TYR C 273 -0.22 16.47 -14.46
C TYR C 273 -1.23 17.13 -13.53
N TYR C 274 -2.46 16.65 -13.59
CA TYR C 274 -3.49 17.16 -12.73
C TYR C 274 -3.05 16.80 -11.32
N LYS C 275 -2.78 15.53 -11.06
CA LYS C 275 -2.33 15.07 -9.74
C LYS C 275 -1.02 15.73 -9.26
N LEU C 276 -0.18 16.15 -10.19
CA LEU C 276 1.09 16.78 -9.80
C LEU C 276 0.85 18.06 -9.01
N ASP C 277 -0.08 18.88 -9.49
CA ASP C 277 -0.45 20.14 -8.86
C ASP C 277 0.64 20.84 -8.07
N LYS C 278 1.33 21.76 -8.76
CA LYS C 278 2.40 22.56 -8.15
C LYS C 278 3.75 21.88 -8.04
N ARG C 279 3.79 20.56 -8.15
CA ARG C 279 5.08 19.85 -8.09
C ARG C 279 5.67 19.73 -9.49
N ILE C 280 6.91 20.15 -9.63
CA ILE C 280 7.56 20.11 -10.93
C ILE C 280 8.52 18.95 -11.02
N PRO C 281 8.30 18.04 -11.97
CA PRO C 281 9.18 16.88 -12.14
C PRO C 281 10.33 17.19 -13.09
N LYS C 282 11.47 16.51 -12.89
CA LYS C 282 12.66 16.66 -13.74
C LYS C 282 12.91 15.32 -14.43
N ALA C 283 12.11 14.31 -14.10
CA ALA C 283 12.27 12.97 -14.68
C ALA C 283 10.93 12.38 -15.07
N ILE C 284 10.87 11.82 -16.27
CA ILE C 284 9.62 11.24 -16.76
C ILE C 284 9.87 9.81 -17.24
N HIS C 285 9.05 8.88 -16.78
CA HIS C 285 9.19 7.47 -17.17
C HIS C 285 7.92 6.95 -17.83
N VAL C 286 8.05 6.33 -18.99
CA VAL C 286 6.88 5.77 -19.66
C VAL C 286 6.83 4.30 -19.29
N VAL C 287 5.75 3.88 -18.67
CA VAL C 287 5.63 2.48 -18.25
C VAL C 287 4.66 1.69 -19.11
N ALA C 288 5.04 0.44 -19.39
CA ALA C 288 4.21 -0.43 -20.20
C ALA C 288 4.05 -1.80 -19.53
N VAL C 289 2.84 -2.33 -19.64
CA VAL C 289 2.50 -3.64 -19.12
C VAL C 289 2.19 -4.51 -20.32
N THR C 290 3.22 -5.19 -20.82
CA THR C 290 3.12 -6.06 -21.98
C THR C 290 1.94 -7.05 -21.87
N GLU C 291 1.54 -7.59 -23.01
CA GLU C 291 0.43 -8.53 -23.07
C GLU C 291 0.62 -9.67 -22.07
N ASP C 292 1.86 -10.14 -21.92
CA ASP C 292 2.17 -11.22 -20.99
C ASP C 292 2.40 -10.73 -19.57
N LEU C 293 1.92 -9.52 -19.28
CA LEU C 293 1.98 -8.91 -17.95
C LEU C 293 3.31 -8.46 -17.34
N ASP C 294 4.40 -8.56 -18.10
CA ASP C 294 5.71 -8.12 -17.62
C ASP C 294 5.64 -6.59 -17.56
N ILE C 295 6.55 -5.95 -16.84
CA ILE C 295 6.51 -4.49 -16.80
C ILE C 295 7.75 -3.90 -17.45
N VAL C 296 7.57 -3.11 -18.51
CA VAL C 296 8.71 -2.50 -19.19
C VAL C 296 8.62 -1.00 -19.05
N SER C 297 9.77 -0.32 -18.97
CA SER C 297 9.79 1.13 -18.80
C SER C 297 11.06 1.81 -19.33
N ARG C 298 10.93 3.09 -19.71
CA ARG C 298 12.07 3.88 -20.20
C ARG C 298 11.90 5.32 -19.71
N GLY C 299 12.98 5.93 -19.22
CA GLY C 299 12.86 7.29 -18.70
C GLY C 299 13.88 8.32 -19.16
N ARG C 300 13.89 9.46 -18.48
CA ARG C 300 14.82 10.55 -18.81
C ARG C 300 14.81 11.65 -17.78
N THR C 301 16.00 12.09 -17.39
CA THR C 301 16.10 13.16 -16.42
C THR C 301 16.57 14.46 -17.09
N PHE C 302 15.89 15.56 -16.79
CA PHE C 302 16.25 16.84 -17.38
C PHE C 302 16.89 17.72 -16.32
N PRO C 303 17.78 18.62 -16.72
CA PRO C 303 18.44 19.49 -15.75
C PRO C 303 17.45 20.56 -15.30
N HIS C 304 16.21 20.44 -15.78
CA HIS C 304 15.15 21.40 -15.45
C HIS C 304 13.83 20.69 -15.27
N GLY C 305 12.82 21.46 -14.84
CA GLY C 305 11.49 20.92 -14.64
C GLY C 305 10.88 20.59 -15.99
N ILE C 306 9.88 19.71 -16.01
CA ILE C 306 9.26 19.32 -17.28
C ILE C 306 7.88 19.95 -17.49
N SER C 307 7.76 20.73 -18.55
CA SER C 307 6.50 21.35 -18.90
C SER C 307 5.68 20.21 -19.46
N LYS C 308 4.36 20.34 -19.40
CA LYS C 308 3.49 19.30 -19.90
C LYS C 308 3.83 19.06 -21.37
N GLU C 309 4.10 20.16 -22.08
CA GLU C 309 4.43 20.05 -23.49
C GLU C 309 5.64 19.14 -23.63
N THR C 310 6.67 19.40 -22.82
CA THR C 310 7.88 18.58 -22.89
C THR C 310 7.53 17.11 -22.61
N ALA C 311 6.69 16.89 -21.59
CA ALA C 311 6.27 15.52 -21.23
C ALA C 311 5.60 14.83 -22.42
N TYR C 312 4.69 15.55 -23.06
CA TYR C 312 3.97 15.04 -24.22
C TYR C 312 4.93 14.52 -25.28
N SER C 313 5.79 15.40 -25.77
CA SER C 313 6.76 15.03 -26.82
C SER C 313 7.76 13.97 -26.37
N GLU C 314 8.36 14.19 -25.21
CA GLU C 314 9.35 13.26 -24.67
C GLU C 314 8.79 11.88 -24.37
N SER C 315 7.50 11.81 -24.03
CA SER C 315 6.86 10.54 -23.69
C SER C 315 6.76 9.66 -24.92
N VAL C 316 6.52 10.30 -26.05
CA VAL C 316 6.38 9.57 -27.29
C VAL C 316 7.72 8.95 -27.68
N LYS C 317 8.79 9.70 -27.44
CA LYS C 317 10.14 9.21 -27.76
C LYS C 317 10.46 7.99 -26.91
N LEU C 318 10.10 8.02 -25.64
CA LEU C 318 10.36 6.90 -24.73
C LEU C 318 9.47 5.71 -25.10
N LEU C 319 8.20 5.99 -25.40
CA LEU C 319 7.29 4.92 -25.77
C LEU C 319 7.93 4.18 -26.94
N GLN C 320 8.52 4.98 -27.84
CA GLN C 320 9.18 4.42 -29.01
C GLN C 320 10.35 3.57 -28.58
N LYS C 321 11.18 4.09 -27.68
CA LYS C 321 12.36 3.36 -27.20
C LYS C 321 11.91 2.01 -26.64
N ILE C 322 10.65 1.90 -26.24
CA ILE C 322 10.13 0.63 -25.73
C ILE C 322 9.69 -0.27 -26.89
N LEU C 323 9.23 0.36 -27.96
CA LEU C 323 8.78 -0.38 -29.13
C LEU C 323 9.96 -0.90 -29.96
N GLU C 324 11.04 -0.12 -30.02
CA GLU C 324 12.25 -0.49 -30.76
C GLU C 324 13.09 -1.48 -29.98
N GLU C 325 12.85 -1.58 -28.66
CA GLU C 325 13.62 -2.49 -27.79
C GLU C 325 12.86 -3.68 -27.23
N ASP C 326 11.62 -3.85 -27.66
CA ASP C 326 10.79 -4.95 -27.22
C ASP C 326 9.88 -5.24 -28.41
N GLU C 327 9.44 -6.49 -28.52
CA GLU C 327 8.59 -6.86 -29.65
C GLU C 327 7.20 -7.35 -29.22
N ARG C 328 7.00 -7.52 -27.92
CA ARG C 328 5.72 -7.96 -27.40
C ARG C 328 4.66 -6.88 -27.59
N LYS C 329 3.41 -7.23 -27.29
CA LYS C 329 2.31 -6.28 -27.40
C LYS C 329 2.02 -5.61 -26.06
N ILE C 330 1.58 -4.36 -26.11
CA ILE C 330 1.28 -3.61 -24.90
C ILE C 330 -0.18 -3.81 -24.50
N ARG C 331 -0.43 -3.84 -23.20
CA ARG C 331 -1.78 -4.03 -22.67
C ARG C 331 -2.19 -2.83 -21.81
N ARG C 332 -1.23 -2.34 -21.03
CA ARG C 332 -1.47 -1.20 -20.16
C ARG C 332 -0.33 -0.19 -20.38
N ILE C 333 -0.67 1.01 -20.82
CA ILE C 333 0.37 2.02 -21.04
C ILE C 333 0.25 3.13 -20.02
N GLY C 334 1.34 3.78 -19.68
CA GLY C 334 1.24 4.86 -18.71
C GLY C 334 2.51 5.67 -18.53
N VAL C 335 2.39 6.77 -17.81
CA VAL C 335 3.54 7.60 -17.57
C VAL C 335 3.79 7.60 -16.05
N ARG C 336 4.99 8.01 -15.63
CA ARG C 336 5.32 8.08 -14.20
C ARG C 336 6.34 9.20 -14.00
N PHE C 337 5.99 10.19 -13.18
CA PHE C 337 6.86 11.33 -12.95
C PHE C 337 7.56 11.40 -11.60
N SER C 338 8.84 11.77 -11.60
CA SER C 338 9.62 11.86 -10.37
C SER C 338 10.69 12.94 -10.30
N LYS C 339 11.50 12.91 -9.25
CA LYS C 339 12.58 13.88 -9.03
C LYS C 339 12.05 15.30 -9.05
N PHE C 340 11.09 15.57 -8.16
CA PHE C 340 10.47 16.89 -8.07
C PHE C 340 11.45 17.97 -7.59
N ILE C 341 11.14 19.22 -7.94
CA ILE C 341 11.98 20.35 -7.54
C ILE C 341 11.64 20.76 -6.11
#